data_6WHM
#
_entry.id   6WHM
#
_cell.length_a   89.885
_cell.length_b   89.885
_cell.length_c   134.295
_cell.angle_alpha   90.000
_cell.angle_beta   90.000
_cell.angle_gamma   90.000
#
_symmetry.space_group_name_H-M   'I 4 2 2'
#
loop_
_entity.id
_entity.type
_entity.pdbx_description
1 polymer 'PA-X protein,Polymerase acidic protein'
2 polymer "DNA (5'-D(P*TP*AP*GP*C)-3')"
3 non-polymer GLYCEROL
4 non-polymer 'MAGNESIUM ION'
5 non-polymer 'MANGANESE (II) ION'
6 non-polymer 'SULFATE ION'
7 water water
#
loop_
_entity_poly.entity_id
_entity_poly.type
_entity_poly.pdbx_seq_one_letter_code
_entity_poly.pdbx_strand_id
1 'polypeptide(L)'
;MGSSHHHHHHSSGLVPRGSHMEDFVRQCFNPMIVELAEKAMKEYGEDPKIETNKFAAICTHLEVCFMYSDGGSKHRFEII
EGRDRIMAWTVVNSICNTTGVEKPKFLPDLYDYKENRFIEIGVTRREVHIYYLEKANKIKSEKTHIHIFSFTGEEMATKA
DYTLDEESRARIKTRLFTIRQEMASRSLWDSFRQSER
;
A
2 'polydeoxyribonucleotide' (DT)(DT)(DA)(DG)(DC)(DA)(DT)(DT) B
#
loop_
_chem_comp.id
_chem_comp.type
_chem_comp.name
_chem_comp.formula
DA DNA linking 2'-DEOXYADENOSINE-5'-MONOPHOSPHATE 'C10 H14 N5 O6 P'
DC DNA linking 2'-DEOXYCYTIDINE-5'-MONOPHOSPHATE 'C9 H14 N3 O7 P'
DG DNA linking 2'-DEOXYGUANOSINE-5'-MONOPHOSPHATE 'C10 H14 N5 O7 P'
DT DNA linking THYMIDINE-5'-MONOPHOSPHATE 'C10 H15 N2 O8 P'
GOL non-polymer GLYCEROL 'C3 H8 O3'
MG non-polymer 'MAGNESIUM ION' 'Mg 2'
MN non-polymer 'MANGANESE (II) ION' 'Mn 2'
SO4 non-polymer 'SULFATE ION' 'O4 S -2'
#
# COMPACT_ATOMS: atom_id res chain seq x y z
N ARG A 17 19.63 -9.63 16.90
CA ARG A 17 20.00 -10.72 16.01
C ARG A 17 19.69 -10.34 14.55
N GLY A 18 20.69 -10.46 13.67
CA GLY A 18 20.58 -9.94 12.31
C GLY A 18 20.09 -10.93 11.28
N SER A 19 18.97 -10.62 10.64
CA SER A 19 18.30 -11.54 9.73
C SER A 19 18.63 -11.23 8.27
N HIS A 20 18.54 -12.27 7.43
CA HIS A 20 18.67 -12.05 5.99
C HIS A 20 17.58 -11.13 5.48
N MET A 21 16.33 -11.35 5.91
CA MET A 21 15.23 -10.54 5.39
C MET A 21 15.47 -9.06 5.65
N GLU A 22 15.96 -8.71 6.83
CA GLU A 22 16.17 -7.30 7.11
C GLU A 22 17.21 -6.70 6.16
N ASP A 23 18.33 -7.39 5.94
CA ASP A 23 19.32 -6.88 5.00
C ASP A 23 18.79 -6.87 3.56
N PHE A 24 17.96 -7.84 3.19
CA PHE A 24 17.35 -7.82 1.86
C PHE A 24 16.49 -6.57 1.66
N VAL A 25 15.63 -6.27 2.63
CA VAL A 25 14.73 -5.12 2.54
C VAL A 25 15.53 -3.84 2.34
N ARG A 26 16.63 -3.70 3.10
CA ARG A 26 17.41 -2.46 3.06
C ARG A 26 18.13 -2.26 1.74
N GLN A 27 18.42 -3.33 1.00
CA GLN A 27 19.09 -3.12 -0.29
C GLN A 27 18.13 -3.24 -1.46
N CYS A 28 16.86 -3.56 -1.21
CA CYS A 28 15.86 -3.70 -2.27
C CYS A 28 14.98 -2.47 -2.42
N PHE A 29 14.73 -1.72 -1.36
CA PHE A 29 13.88 -0.55 -1.39
C PHE A 29 14.72 0.69 -1.20
N ASN A 30 14.25 1.81 -1.73
CA ASN A 30 15.07 3.01 -1.63
C ASN A 30 15.06 3.52 -0.19
N PRO A 31 16.08 4.30 0.18
CA PRO A 31 16.21 4.73 1.60
C PRO A 31 15.02 5.52 2.13
N MET A 32 14.39 6.34 1.29
CA MET A 32 13.21 7.09 1.74
C MET A 32 12.08 6.15 2.15
N ILE A 33 11.85 5.09 1.37
CA ILE A 33 10.80 4.13 1.73
C ILE A 33 11.17 3.39 3.00
N VAL A 34 12.42 2.96 3.12
CA VAL A 34 12.85 2.24 4.31
C VAL A 34 12.69 3.12 5.55
N GLU A 35 13.10 4.38 5.46
CA GLU A 35 12.97 5.28 6.59
C GLU A 35 11.50 5.44 7.01
N LEU A 36 10.61 5.66 6.02
CA LEU A 36 9.18 5.74 6.32
C LEU A 36 8.65 4.46 6.93
N ALA A 37 9.08 3.31 6.41
CA ALA A 37 8.59 2.04 6.97
C ALA A 37 9.05 1.87 8.42
N GLU A 38 10.29 2.27 8.74
CA GLU A 38 10.76 2.15 10.12
C GLU A 38 9.98 3.07 11.04
N LYS A 39 9.72 4.30 10.57
CA LYS A 39 8.98 5.26 11.37
C LYS A 39 7.59 4.73 11.70
N ALA A 40 6.93 4.14 10.69
CA ALA A 40 5.59 3.58 10.88
C ALA A 40 5.61 2.45 11.91
N MET A 41 6.61 1.56 11.83
CA MET A 41 6.65 0.44 12.77
C MET A 41 6.91 0.93 14.19
N LYS A 42 7.81 1.89 14.35
CA LYS A 42 8.12 2.38 15.68
C LYS A 42 6.99 3.20 16.27
N GLU A 43 6.18 3.86 15.42
CA GLU A 43 5.01 4.57 15.95
C GLU A 43 4.06 3.63 16.66
N TYR A 44 3.92 2.39 16.17
CA TYR A 44 3.09 1.37 16.80
C TYR A 44 3.92 0.37 17.60
N GLY A 45 5.09 0.80 18.09
CA GLY A 45 5.86 -0.01 19.02
C GLY A 45 6.44 -1.28 18.45
N GLU A 46 6.82 -1.30 17.17
CA GLU A 46 7.29 -2.51 16.51
C GLU A 46 8.72 -2.35 16.03
N ASP A 47 9.44 -3.47 15.96
CA ASP A 47 10.87 -3.46 15.65
C ASP A 47 11.12 -4.07 14.28
N PRO A 48 11.62 -3.28 13.32
CA PRO A 48 11.94 -3.84 12.00
C PRO A 48 12.97 -4.96 12.04
N LYS A 49 13.78 -5.05 13.09
CA LYS A 49 14.76 -6.13 13.17
C LYS A 49 14.14 -7.43 13.66
N ILE A 50 12.98 -7.35 14.30
CA ILE A 50 12.32 -8.53 14.82
C ILE A 50 11.23 -8.98 13.86
N GLU A 51 10.31 -8.07 13.53
CA GLU A 51 9.19 -8.40 12.64
C GLU A 51 9.58 -8.05 11.21
N THR A 52 10.47 -8.88 10.67
CA THR A 52 11.09 -8.57 9.39
C THR A 52 10.12 -8.77 8.23
N ASN A 53 9.20 -9.72 8.34
CA ASN A 53 8.20 -9.87 7.29
C ASN A 53 7.25 -8.68 7.24
N LYS A 54 6.85 -8.16 8.40
CA LYS A 54 6.03 -6.95 8.41
C LYS A 54 6.78 -5.77 7.81
N PHE A 55 8.06 -5.64 8.16
CA PHE A 55 8.94 -4.64 7.56
C PHE A 55 8.89 -4.70 6.04
N ALA A 56 9.02 -5.90 5.49
CA ALA A 56 9.01 -6.07 4.05
C ALA A 56 7.66 -5.69 3.46
N ALA A 57 6.57 -6.12 4.11
CA ALA A 57 5.23 -5.81 3.62
C ALA A 57 4.95 -4.32 3.66
N ILE A 58 5.42 -3.63 4.68
CA ILE A 58 5.21 -2.19 4.79
C ILE A 58 5.96 -1.45 3.69
N CYS A 59 7.24 -1.81 3.47
CA CYS A 59 7.97 -1.18 2.37
C CYS A 59 7.27 -1.43 1.05
N THR A 60 6.80 -2.66 0.83
CA THR A 60 6.13 -2.96 -0.44
C THR A 60 4.89 -2.09 -0.61
N HIS A 61 4.09 -2.01 0.44
CA HIS A 61 2.84 -1.25 0.40
C HIS A 61 3.13 0.22 0.13
N LEU A 62 4.17 0.76 0.79
CA LEU A 62 4.58 2.13 0.54
C LEU A 62 4.94 2.34 -0.93
N GLU A 63 5.81 1.48 -1.47
CA GLU A 63 6.26 1.67 -2.84
C GLU A 63 5.08 1.64 -3.80
N VAL A 64 4.17 0.68 -3.60
CA VAL A 64 3.01 0.58 -4.49
C VAL A 64 2.16 1.84 -4.42
N CYS A 65 1.88 2.33 -3.20
CA CYS A 65 1.09 3.55 -3.06
C CYS A 65 1.75 4.73 -3.79
N PHE A 66 3.07 4.86 -3.70
CA PHE A 66 3.74 5.98 -4.34
C PHE A 66 3.77 5.79 -5.85
N MET A 67 3.99 4.56 -6.32
CA MET A 67 3.91 4.27 -7.75
C MET A 67 2.51 4.57 -8.28
N TYR A 68 1.50 4.21 -7.50
CA TYR A 68 0.13 4.43 -7.92
C TYR A 68 -0.16 5.92 -8.06
N SER A 69 0.27 6.70 -7.07
CA SER A 69 0.05 8.13 -7.12
C SER A 69 0.77 8.79 -8.30
N ASP A 70 1.89 8.21 -8.75
N ASP A 70 1.89 8.20 -8.75
CA ASP A 70 2.58 8.74 -9.92
CA ASP A 70 2.63 8.68 -9.92
C ASP A 70 1.81 8.50 -11.21
C ASP A 70 1.95 8.34 -11.24
N GLY A 71 0.90 7.52 -11.23
CA GLY A 71 0.18 7.21 -12.45
C GLY A 71 -0.86 8.23 -12.86
N GLY A 72 -1.24 9.17 -11.99
CA GLY A 72 -2.26 10.11 -12.36
C GLY A 72 -1.73 11.32 -13.15
N SER A 73 -2.67 12.15 -13.61
CA SER A 73 -2.32 13.51 -13.99
C SER A 73 -1.84 14.26 -12.74
N LYS A 74 -1.29 15.46 -12.95
CA LYS A 74 -0.41 16.08 -11.95
C LYS A 74 -1.08 16.26 -10.58
N HIS A 75 -2.29 16.82 -10.55
CA HIS A 75 -2.95 17.13 -9.29
C HIS A 75 -3.98 16.08 -8.90
N ARG A 76 -3.92 14.88 -9.48
CA ARG A 76 -5.05 13.97 -9.32
C ARG A 76 -5.20 13.48 -7.90
N PHE A 77 -4.09 13.14 -7.21
CA PHE A 77 -4.18 12.41 -5.95
C PHE A 77 -3.63 13.23 -4.79
N GLU A 78 -4.29 13.15 -3.65
CA GLU A 78 -3.69 13.50 -2.37
C GLU A 78 -3.06 12.23 -1.80
N ILE A 79 -1.80 12.30 -1.42
CA ILE A 79 -1.15 11.13 -0.82
C ILE A 79 -1.37 11.15 0.68
N ILE A 80 -2.06 10.15 1.20
CA ILE A 80 -2.29 10.02 2.65
C ILE A 80 -1.26 9.08 3.29
N GLU A 81 -1.05 7.91 2.68
CA GLU A 81 -0.03 6.97 3.13
C GLU A 81 1.35 7.63 3.18
N GLY A 82 2.15 7.24 4.18
CA GLY A 82 3.48 7.80 4.35
C GLY A 82 3.54 9.04 5.22
N ARG A 83 2.41 9.64 5.56
CA ARG A 83 2.40 10.77 6.47
C ARG A 83 2.35 10.28 7.90
N ASP A 84 2.81 11.12 8.82
N ASP A 84 2.81 11.12 8.83
CA ASP A 84 2.58 10.88 10.24
CA ASP A 84 2.57 10.88 10.23
C ASP A 84 1.09 10.74 10.50
C ASP A 84 1.07 10.73 10.50
N ARG A 85 0.74 9.88 11.46
CA ARG A 85 -0.66 9.50 11.68
C ARG A 85 -1.55 10.71 11.97
N ILE A 86 -1.07 11.66 12.77
CA ILE A 86 -1.88 12.82 13.11
C ILE A 86 -2.07 13.71 11.90
N MET A 87 -1.01 13.93 11.13
CA MET A 87 -1.13 14.74 9.92
C MET A 87 -1.96 14.05 8.87
N ALA A 88 -1.90 12.72 8.82
CA ALA A 88 -2.71 12.01 7.84
C ALA A 88 -4.19 12.24 8.11
N TRP A 89 -4.61 12.19 9.37
CA TRP A 89 -6.01 12.44 9.67
C TRP A 89 -6.40 13.90 9.45
N THR A 90 -5.49 14.84 9.72
CA THR A 90 -5.77 16.25 9.46
C THR A 90 -6.12 16.44 7.99
N VAL A 91 -5.33 15.85 7.11
CA VAL A 91 -5.55 16.00 5.67
C VAL A 91 -6.84 15.31 5.28
N VAL A 92 -7.12 14.12 5.83
CA VAL A 92 -8.41 13.47 5.55
C VAL A 92 -9.56 14.38 5.95
N ASN A 93 -9.45 15.01 7.12
CA ASN A 93 -10.51 15.89 7.59
C ASN A 93 -10.67 17.11 6.69
N SER A 94 -9.55 17.67 6.20
CA SER A 94 -9.63 18.77 5.26
C SER A 94 -10.36 18.35 3.99
N ILE A 95 -10.03 17.18 3.46
CA ILE A 95 -10.75 16.65 2.28
C ILE A 95 -12.23 16.49 2.57
N CYS A 96 -12.57 15.82 3.67
CA CYS A 96 -13.99 15.59 3.96
C CYS A 96 -14.73 16.90 4.15
N ASN A 97 -14.14 17.84 4.88
CA ASN A 97 -14.80 19.10 5.14
C ASN A 97 -14.93 19.94 3.89
N THR A 98 -14.00 19.81 2.93
CA THR A 98 -14.12 20.65 1.76
C THR A 98 -14.85 19.96 0.60
N THR A 99 -14.94 18.63 0.59
CA THR A 99 -15.70 17.92 -0.44
C THR A 99 -17.06 17.43 0.03
N GLY A 100 -17.26 17.30 1.35
CA GLY A 100 -18.45 16.66 1.87
C GLY A 100 -18.43 15.15 1.87
N VAL A 101 -17.39 14.51 1.31
CA VAL A 101 -17.32 13.05 1.34
C VAL A 101 -17.29 12.59 2.80
N GLU A 102 -17.86 11.39 3.04
CA GLU A 102 -17.95 10.87 4.40
C GLU A 102 -16.57 10.49 4.93
N LYS A 103 -16.32 10.85 6.19
CA LYS A 103 -15.02 10.59 6.82
C LYS A 103 -14.79 9.09 6.94
N PRO A 104 -13.72 8.54 6.37
CA PRO A 104 -13.51 7.09 6.47
C PRO A 104 -13.19 6.68 7.90
N LYS A 105 -13.49 5.42 8.20
CA LYS A 105 -13.31 4.91 9.56
C LYS A 105 -11.87 4.51 9.83
N PHE A 106 -11.14 4.11 8.79
CA PHE A 106 -9.73 3.79 8.88
C PHE A 106 -8.98 4.64 7.87
N LEU A 107 -7.72 4.97 8.18
CA LEU A 107 -6.92 5.82 7.29
C LEU A 107 -6.78 5.17 5.92
N PRO A 108 -7.25 5.82 4.85
CA PRO A 108 -7.03 5.29 3.50
C PRO A 108 -5.64 5.70 3.00
N ASP A 109 -5.35 5.35 1.75
CA ASP A 109 -3.98 5.56 1.24
C ASP A 109 -3.86 6.76 0.31
N LEU A 110 -4.90 7.04 -0.49
CA LEU A 110 -4.90 8.18 -1.39
C LEU A 110 -6.28 8.81 -1.38
N TYR A 111 -6.38 10.03 -1.88
CA TYR A 111 -7.68 10.58 -2.26
C TYR A 111 -7.66 10.96 -3.74
N ASP A 112 -8.66 10.53 -4.47
CA ASP A 112 -8.76 10.77 -5.91
C ASP A 112 -9.63 11.99 -6.13
N TYR A 113 -9.00 13.13 -6.43
CA TYR A 113 -9.73 14.37 -6.74
C TYR A 113 -10.48 14.30 -8.05
N LYS A 114 -10.13 13.38 -8.95
CA LYS A 114 -10.88 13.33 -10.20
C LYS A 114 -12.17 12.53 -10.02
N GLU A 115 -12.11 11.43 -9.30
CA GLU A 115 -13.29 10.59 -9.07
C GLU A 115 -13.92 10.86 -7.71
N ASN A 116 -13.31 11.75 -6.94
CA ASN A 116 -13.79 12.21 -5.62
C ASN A 116 -14.12 11.03 -4.70
N ARG A 117 -13.07 10.24 -4.43
CA ARG A 117 -13.21 9.11 -3.54
C ARG A 117 -11.85 8.80 -2.91
N PHE A 118 -11.88 8.32 -1.67
CA PHE A 118 -10.67 7.76 -1.07
C PHE A 118 -10.37 6.40 -1.70
N ILE A 119 -9.09 6.02 -1.69
CA ILE A 119 -8.63 4.74 -2.21
C ILE A 119 -7.88 4.01 -1.12
N GLU A 120 -8.21 2.75 -0.91
CA GLU A 120 -7.47 1.83 -0.05
C GLU A 120 -6.75 0.86 -0.96
N ILE A 121 -5.43 0.82 -0.86
CA ILE A 121 -4.61 -0.01 -1.72
C ILE A 121 -4.10 -1.17 -0.88
N GLY A 122 -4.19 -2.39 -1.42
CA GLY A 122 -3.69 -3.55 -0.71
C GLY A 122 -2.81 -4.39 -1.60
N VAL A 123 -1.83 -5.06 -0.98
CA VAL A 123 -0.96 -5.99 -1.69
C VAL A 123 -1.07 -7.33 -0.96
N THR A 124 -1.33 -8.42 -1.69
CA THR A 124 -1.59 -9.71 -1.04
C THR A 124 -0.82 -10.83 -1.73
N ARG A 125 -0.46 -11.83 -0.92
CA ARG A 125 0.14 -13.07 -1.39
C ARG A 125 -0.87 -14.21 -1.55
N ARG A 126 -2.16 -13.96 -1.30
CA ARG A 126 -3.23 -14.93 -1.50
C ARG A 126 -4.07 -14.52 -2.72
N GLU A 127 -5.10 -15.31 -3.07
CA GLU A 127 -5.98 -14.90 -4.15
C GLU A 127 -6.58 -13.53 -3.83
N VAL A 128 -6.60 -12.65 -4.83
CA VAL A 128 -6.93 -11.24 -4.61
C VAL A 128 -8.27 -11.09 -3.92
N HIS A 129 -9.25 -11.94 -4.27
CA HIS A 129 -10.58 -11.71 -3.74
C HIS A 129 -10.67 -12.02 -2.26
N ILE A 130 -9.77 -12.85 -1.73
CA ILE A 130 -9.80 -13.11 -0.29
C ILE A 130 -9.45 -11.85 0.47
N TYR A 131 -8.34 -11.22 0.11
CA TYR A 131 -7.97 -9.95 0.74
C TYR A 131 -9.00 -8.87 0.40
N TYR A 132 -9.47 -8.80 -0.86
CA TYR A 132 -10.48 -7.80 -1.18
C TYR A 132 -11.66 -7.90 -0.22
N LEU A 133 -12.22 -9.11 -0.08
CA LEU A 133 -13.42 -9.28 0.73
C LEU A 133 -13.16 -8.94 2.18
N GLU A 134 -11.99 -9.34 2.70
CA GLU A 134 -11.60 -8.98 4.06
C GLU A 134 -11.61 -7.47 4.25
N LYS A 135 -10.95 -6.73 3.35
CA LYS A 135 -10.94 -5.28 3.50
C LYS A 135 -12.31 -4.69 3.18
N ALA A 136 -13.01 -5.29 2.21
CA ALA A 136 -14.37 -4.83 1.90
C ALA A 136 -15.38 -5.20 2.96
N ASN A 137 -15.00 -5.95 3.99
CA ASN A 137 -15.88 -6.21 5.11
C ASN A 137 -15.52 -5.37 6.33
N LYS A 138 -14.23 -5.10 6.51
CA LYS A 138 -13.78 -4.12 7.47
C LYS A 138 -14.06 -2.69 7.01
N ILE A 139 -14.96 -2.52 6.04
CA ILE A 139 -15.20 -1.20 5.47
C ILE A 139 -15.94 -0.31 6.46
N LYS A 140 -17.22 -0.57 6.66
CA LYS A 140 -18.19 0.42 7.11
C LYS A 140 -18.26 1.55 6.08
N SER A 141 -17.13 2.22 5.87
CA SER A 141 -16.98 3.19 4.78
C SER A 141 -17.34 2.54 3.44
N GLU A 142 -18.62 2.61 3.07
CA GLU A 142 -19.07 2.00 1.82
C GLU A 142 -18.53 2.72 0.59
N LYS A 143 -18.10 3.98 0.71
CA LYS A 143 -17.74 4.77 -0.46
C LYS A 143 -16.25 4.79 -0.75
N THR A 144 -15.42 4.21 0.11
CA THR A 144 -13.98 4.09 -0.13
C THR A 144 -13.72 3.06 -1.21
N HIS A 145 -12.90 3.43 -2.19
CA HIS A 145 -12.57 2.53 -3.30
C HIS A 145 -11.43 1.60 -2.90
N ILE A 146 -11.56 0.31 -3.20
CA ILE A 146 -10.53 -0.67 -2.85
C ILE A 146 -9.83 -1.14 -4.12
N HIS A 147 -8.51 -1.18 -4.11
CA HIS A 147 -7.75 -1.67 -5.25
C HIS A 147 -6.68 -2.60 -4.70
N ILE A 148 -6.77 -3.89 -5.03
CA ILE A 148 -5.88 -4.91 -4.50
C ILE A 148 -4.98 -5.40 -5.64
N PHE A 149 -3.68 -5.52 -5.36
CA PHE A 149 -2.70 -6.15 -6.24
C PHE A 149 -2.16 -7.41 -5.56
N SER A 150 -1.84 -8.43 -6.37
CA SER A 150 -1.18 -9.63 -5.88
C SER A 150 0.25 -9.69 -6.42
N PHE A 151 1.02 -10.64 -5.89
CA PHE A 151 2.37 -10.93 -6.37
C PHE A 151 2.37 -11.93 -7.53
N THR A 152 1.23 -12.11 -8.18
CA THR A 152 1.15 -12.96 -9.35
C THR A 152 0.60 -12.19 -10.54
N GLY A 153 0.53 -10.87 -10.45
CA GLY A 153 0.06 -10.06 -11.55
C GLY A 153 -1.44 -9.89 -11.66
N GLU A 154 -2.21 -10.27 -10.65
CA GLU A 154 -3.65 -10.08 -10.67
C GLU A 154 -4.01 -8.80 -9.92
N GLU A 155 -5.19 -8.26 -10.22
CA GLU A 155 -5.65 -7.10 -9.48
C GLU A 155 -7.17 -7.20 -9.37
N MET A 156 -7.72 -6.50 -8.39
CA MET A 156 -9.16 -6.52 -8.19
C MET A 156 -9.56 -5.19 -7.61
N ALA A 157 -10.56 -4.52 -8.19
CA ALA A 157 -10.91 -3.19 -7.73
C ALA A 157 -12.41 -3.02 -7.69
N THR A 158 -12.85 -2.16 -6.77
CA THR A 158 -14.26 -1.87 -6.58
C THR A 158 -14.92 -1.50 -7.90
N LYS A 159 -16.06 -2.15 -8.17
CA LYS A 159 -16.89 -1.91 -9.35
C LYS A 159 -16.14 -2.15 -10.66
N ALA A 160 -15.03 -2.89 -10.60
CA ALA A 160 -14.18 -3.14 -11.76
C ALA A 160 -13.69 -1.84 -12.37
N ASP A 161 -13.51 -0.82 -11.54
CA ASP A 161 -13.02 0.48 -11.97
C ASP A 161 -11.60 0.60 -11.42
N TYR A 162 -10.62 0.52 -12.31
CA TYR A 162 -9.23 0.32 -11.92
C TYR A 162 -8.49 1.65 -11.85
N THR A 163 -9.20 2.77 -11.98
CA THR A 163 -8.72 4.13 -11.70
C THR A 163 -7.65 4.60 -12.69
N LEU A 164 -6.53 3.87 -12.80
CA LEU A 164 -5.41 4.28 -13.64
C LEU A 164 -5.47 3.62 -15.00
N ASP A 165 -4.70 4.18 -15.95
CA ASP A 165 -4.56 3.51 -17.23
C ASP A 165 -3.76 2.21 -17.08
N GLU A 166 -3.87 1.35 -18.09
CA GLU A 166 -3.33 0.00 -17.95
C GLU A 166 -1.82 -0.01 -17.74
N GLU A 167 -1.10 0.88 -18.44
CA GLU A 167 0.36 0.92 -18.32
C GLU A 167 0.80 1.18 -16.89
N SER A 168 0.12 2.10 -16.20
CA SER A 168 0.51 2.43 -14.82
C SER A 168 0.31 1.26 -13.87
N ARG A 169 -0.76 0.49 -14.05
CA ARG A 169 -0.97 -0.69 -13.22
C ARG A 169 0.01 -1.80 -13.61
N ALA A 170 0.34 -1.92 -14.90
CA ALA A 170 1.25 -2.98 -15.34
C ALA A 170 2.64 -2.79 -14.75
N ARG A 171 3.09 -1.53 -14.58
CA ARG A 171 4.36 -1.23 -13.96
C ARG A 171 4.38 -1.73 -12.52
N ILE A 172 3.25 -1.60 -11.84
CA ILE A 172 3.19 -2.05 -10.45
C ILE A 172 3.25 -3.56 -10.37
N LYS A 173 2.52 -4.24 -11.25
CA LYS A 173 2.52 -5.70 -11.25
C LYS A 173 3.91 -6.23 -11.53
N THR A 174 4.62 -5.57 -12.45
CA THR A 174 5.96 -6.02 -12.81
C THR A 174 6.89 -5.88 -11.61
N ARG A 175 6.79 -4.77 -10.90
CA ARG A 175 7.68 -4.54 -9.76
C ARG A 175 7.40 -5.54 -8.64
N LEU A 176 6.13 -5.85 -8.42
CA LEU A 176 5.79 -6.81 -7.38
C LEU A 176 6.31 -8.20 -7.73
N PHE A 177 6.19 -8.60 -9.00
CA PHE A 177 6.74 -9.91 -9.36
C PHE A 177 8.26 -9.89 -9.26
N THR A 178 8.90 -8.75 -9.49
CA THR A 178 10.35 -8.69 -9.31
C THR A 178 10.73 -8.87 -7.84
N ILE A 179 9.99 -8.23 -6.93
CA ILE A 179 10.23 -8.42 -5.49
C ILE A 179 10.09 -9.88 -5.11
N ARG A 180 9.04 -10.52 -5.61
CA ARG A 180 8.84 -11.96 -5.36
C ARG A 180 10.05 -12.78 -5.78
N GLN A 181 10.55 -12.55 -7.02
CA GLN A 181 11.67 -13.34 -7.51
C GLN A 181 12.92 -13.11 -6.68
N GLU A 182 13.15 -11.85 -6.29
CA GLU A 182 14.35 -11.52 -5.50
C GLU A 182 14.30 -12.20 -4.14
N MET A 183 13.12 -12.30 -3.53
CA MET A 183 12.98 -13.07 -2.30
C MET A 183 13.19 -14.56 -2.56
N ALA A 184 12.52 -15.10 -3.58
CA ALA A 184 12.64 -16.53 -3.87
C ALA A 184 14.09 -16.91 -4.15
N SER A 185 14.82 -16.04 -4.85
CA SER A 185 16.24 -16.25 -5.11
C SER A 185 17.06 -16.35 -3.81
N ARG A 186 16.60 -15.71 -2.74
CA ARG A 186 17.27 -15.74 -1.45
C ARG A 186 16.64 -16.73 -0.47
N SER A 187 15.73 -17.59 -0.95
CA SER A 187 14.97 -18.51 -0.08
C SER A 187 14.27 -17.76 1.04
N LEU A 188 13.80 -16.55 0.76
CA LEU A 188 13.00 -15.80 1.71
C LEU A 188 11.52 -15.78 1.35
N TRP A 189 11.15 -16.29 0.16
CA TRP A 189 9.77 -16.12 -0.29
C TRP A 189 8.81 -17.01 0.51
N ASP A 190 9.23 -18.23 0.84
CA ASP A 190 8.33 -19.16 1.51
C ASP A 190 7.92 -18.65 2.89
N SER A 191 8.87 -18.14 3.67
CA SER A 191 8.52 -17.58 4.97
C SER A 191 7.76 -16.26 4.82
N PHE A 192 8.02 -15.50 3.75
CA PHE A 192 7.25 -14.27 3.53
C PHE A 192 5.82 -14.58 3.12
N ARG A 193 5.64 -15.45 2.13
CA ARG A 193 4.31 -15.87 1.70
C ARG A 193 3.53 -16.46 2.87
N GLN A 194 4.18 -17.33 3.67
CA GLN A 194 3.50 -18.01 4.77
C GLN A 194 3.39 -17.16 6.04
N SER A 195 3.80 -15.90 6.01
CA SER A 195 3.67 -15.03 7.19
C SER A 195 2.43 -14.15 7.08
C1 GOL C . 2.79 13.11 1.49
O1 GOL C . 2.83 13.94 0.36
C2 GOL C . 3.76 11.91 1.20
O2 GOL C . 3.62 10.91 2.15
C3 GOL C . 5.19 12.53 1.22
O3 GOL C . 6.00 11.63 0.51
C1 GOL D . -10.89 11.47 13.55
O1 GOL D . -11.11 12.42 12.53
C2 GOL D . -9.36 11.29 13.70
O2 GOL D . -8.77 12.34 14.40
C3 GOL D . -9.19 9.94 14.43
O3 GOL D . -10.10 9.05 13.85
MG MG E . -3.74 0.08 2.11
MN MN F . -3.76 0.37 2.16
S SO4 G . -6.05 11.29 -15.53
O1 SO4 G . -4.99 11.85 -16.37
O2 SO4 G . -5.48 10.96 -14.22
O3 SO4 G . -6.57 10.07 -16.14
O4 SO4 G . -7.12 12.28 -15.38
S SO4 H . 7.22 -11.33 11.10
O1 SO4 H . 8.54 -11.55 10.51
O2 SO4 H . 7.29 -11.52 12.55
O3 SO4 H . 6.79 -9.96 10.83
O4 SO4 H . 6.28 -12.28 10.52
MG MG I . -3.02 2.04 4.09
#